data_6XH9
#
_entry.id   6XH9
#
_cell.length_a   99.483
_cell.length_b   99.483
_cell.length_c   268.428
_cell.angle_alpha   90.000
_cell.angle_beta   90.000
_cell.angle_gamma   120.000
#
_symmetry.space_group_name_H-M   'P 62 2 2'
#
_entity_poly.entity_id   1
_entity_poly.type   'polypeptide(L)'
_entity_poly.pdbx_seq_one_letter_code
;MINQVYQLVAPRQFEVTYNNVDIYSDYVIVRPLYMSI(CME)AADQRYYTGSRDENVLSQKLPMSLIHEGVGEVVFDSKG
VFNKGTKVVMVPNTPTEKDDVIAENYLKSSYFRSSGHDGFMQDFVLLNHDRAVPLPDDIDLSIISYTELVTVSLHAIRRF
EKKSISNKNTFGIWGDGNLGYITAILLRKLYPESKIYVFGKTDYKLSHFSFVDDVFFINKIPEGLTFDHAFECVGGRGSQ
SAINQMIDYISPEGSIALLGVSEFPVEVNTRLVLEKGLTLIGSSRSGSKDFQDVVDLYIQYPDIVDKLALLKGQEFEIAT
INDLTEAFEADLSTSWGKTVLKWIM
;
_entity_poly.pdbx_strand_id   A
#
# COMPACT_ATOMS: atom_id res chain seq x y z
N MET A 1 -21.05 -16.39 19.76
CA MET A 1 -19.65 -16.07 20.05
C MET A 1 -19.44 -14.56 20.24
N ILE A 2 -18.57 -14.18 21.18
CA ILE A 2 -18.30 -12.79 21.53
C ILE A 2 -17.01 -12.31 20.88
N ASN A 3 -17.07 -11.14 20.26
CA ASN A 3 -15.91 -10.55 19.60
C ASN A 3 -15.52 -9.25 20.32
N GLN A 4 -14.24 -9.12 20.64
CA GLN A 4 -13.70 -7.88 21.21
C GLN A 4 -13.18 -7.00 20.09
N VAL A 5 -13.74 -5.80 19.99
CA VAL A 5 -13.34 -4.81 19.00
C VAL A 5 -12.57 -3.72 19.73
N TYR A 6 -11.34 -3.49 19.30
CA TYR A 6 -10.47 -2.49 19.91
C TYR A 6 -10.60 -1.19 19.11
N GLN A 7 -11.42 -0.27 19.59
CA GLN A 7 -11.68 0.95 18.87
C GLN A 7 -10.88 2.14 19.40
N LEU A 8 -10.74 3.15 18.55
CA LEU A 8 -10.17 4.42 18.97
C LEU A 8 -11.35 5.27 19.38
N VAL A 9 -11.39 5.61 20.66
CA VAL A 9 -12.45 6.43 21.21
C VAL A 9 -12.03 7.89 21.31
N ALA A 10 -10.74 8.17 21.37
CA ALA A 10 -10.22 9.52 21.40
C ALA A 10 -8.81 9.49 20.82
N PRO A 11 -8.34 10.61 20.31
CA PRO A 11 -6.95 10.65 19.83
C PRO A 11 -6.05 10.19 20.95
N ARG A 12 -5.21 9.20 20.66
CA ARG A 12 -4.31 8.61 21.64
C ARG A 12 -5.08 7.95 22.79
N GLN A 13 -6.14 7.21 22.46
CA GLN A 13 -6.95 6.56 23.49
C GLN A 13 -7.76 5.41 22.90
N PHE A 14 -7.45 4.19 23.31
CA PHE A 14 -8.15 3.02 22.82
C PHE A 14 -9.03 2.45 23.93
N GLU A 15 -10.12 1.80 23.50
CA GLU A 15 -10.99 1.14 24.44
C GLU A 15 -11.67 -0.03 23.74
N VAL A 16 -12.03 -1.03 24.52
CA VAL A 16 -12.57 -2.27 23.97
C VAL A 16 -14.09 -2.27 24.11
N THR A 17 -14.77 -2.59 23.02
CA THR A 17 -16.20 -2.85 23.01
C THR A 17 -16.41 -4.29 22.55
N TYR A 18 -17.68 -4.72 22.56
CA TYR A 18 -18.06 -6.09 22.27
C TYR A 18 -19.20 -6.12 21.26
N ASN A 19 -19.29 -7.22 20.53
CA ASN A 19 -20.37 -7.44 19.59
C ASN A 19 -20.44 -8.95 19.33
N ASN A 20 -21.56 -9.39 18.77
CA ASN A 20 -21.81 -10.82 18.60
C ASN A 20 -21.41 -11.27 17.21
N VAL A 21 -20.90 -12.50 17.10
CA VAL A 21 -20.44 -13.03 15.83
C VAL A 21 -21.14 -14.35 15.55
N ASP A 22 -21.72 -14.50 14.35
CA ASP A 22 -22.43 -15.71 13.97
C ASP A 22 -21.49 -16.63 13.21
N ILE A 23 -21.09 -17.74 13.86
CA ILE A 23 -20.21 -18.73 13.26
C ILE A 23 -20.84 -19.28 11.99
N TYR A 24 -22.18 -19.35 11.96
CA TYR A 24 -22.90 -20.04 10.90
C TYR A 24 -23.46 -19.08 9.86
N SER A 25 -22.86 -17.91 9.73
CA SER A 25 -23.27 -16.96 8.74
C SER A 25 -22.57 -17.25 7.41
N ASP A 26 -22.97 -16.50 6.38
CA ASP A 26 -22.43 -16.68 5.06
C ASP A 26 -21.05 -16.06 4.92
N TYR A 27 -20.50 -15.55 6.02
CA TYR A 27 -19.15 -15.00 6.00
C TYR A 27 -18.11 -16.07 6.30
N VAL A 28 -16.85 -15.62 6.33
CA VAL A 28 -15.71 -16.41 6.75
C VAL A 28 -15.03 -15.72 7.93
N ILE A 29 -15.10 -16.34 9.10
CA ILE A 29 -14.53 -15.76 10.32
C ILE A 29 -13.02 -15.96 10.34
N VAL A 30 -12.28 -14.87 10.54
CA VAL A 30 -10.82 -14.85 10.39
C VAL A 30 -10.19 -14.18 11.59
N ARG A 31 -9.16 -14.80 12.16
CA ARG A 31 -8.42 -14.13 13.22
C ARG A 31 -7.22 -13.42 12.62
N PRO A 32 -7.08 -12.12 12.80
CA PRO A 32 -5.93 -11.45 12.21
C PRO A 32 -4.65 -11.90 12.88
N LEU A 33 -3.60 -12.09 12.08
CA LEU A 33 -2.29 -12.54 12.58
C LEU A 33 -1.27 -11.41 12.56
N TYR A 34 -1.05 -10.80 11.40
CA TYR A 34 -0.17 -9.65 11.27
C TYR A 34 -0.89 -8.52 10.54
N MET A 35 -0.66 -7.28 10.99
CA MET A 35 -1.26 -6.12 10.34
C MET A 35 -0.28 -4.95 10.44
N SER A 36 -0.50 -3.93 9.59
CA SER A 36 0.46 -2.84 9.48
C SER A 36 -0.30 -1.51 9.53
N ILE A 37 0.28 -0.56 10.24
CA ILE A 37 -0.29 0.76 10.46
C ILE A 37 -0.13 1.56 9.19
N CME A 38 -1.19 2.26 8.80
CA CME A 38 -1.17 3.05 7.61
CB CME A 38 -2.23 2.51 6.66
SG CME A 38 -2.86 3.49 5.35
SD CME A 38 -1.36 4.01 3.96
CE CME A 38 0.23 3.50 4.53
CZ CME A 38 1.43 3.67 3.62
OH CME A 38 2.53 4.16 4.38
C CME A 38 -1.36 4.53 7.98
O CME A 38 -2.03 4.91 8.94
N ALA A 39 -0.74 5.39 7.18
CA ALA A 39 -0.85 6.84 7.28
C ALA A 39 -2.26 7.33 7.54
N ALA A 40 -3.24 6.66 6.94
CA ALA A 40 -4.62 7.04 7.15
C ALA A 40 -5.03 6.77 8.60
N ASP A 41 -4.59 5.63 9.16
CA ASP A 41 -4.89 5.33 10.54
C ASP A 41 -4.16 6.27 11.50
N GLN A 42 -2.99 6.75 11.09
CA GLN A 42 -2.28 7.71 11.92
C GLN A 42 -2.96 9.06 11.92
N ARG A 43 -3.63 9.43 10.83
CA ARG A 43 -4.33 10.71 10.82
C ARG A 43 -5.37 10.76 11.93
N TYR A 44 -6.12 9.68 12.10
CA TYR A 44 -7.12 9.59 13.15
C TYR A 44 -6.51 9.46 14.53
N TYR A 45 -5.43 8.69 14.65
CA TYR A 45 -4.87 8.44 15.97
C TYR A 45 -4.47 9.74 16.66
N THR A 46 -4.02 10.74 15.89
CA THR A 46 -3.54 12.01 16.43
C THR A 46 -4.45 13.19 16.13
N GLY A 47 -4.83 13.39 14.86
CA GLY A 47 -5.70 14.50 14.47
C GLY A 47 -5.14 15.36 13.34
N LYS A 57 -17.53 10.32 12.94
CA LYS A 57 -17.20 8.89 13.02
C LYS A 57 -16.19 8.62 14.12
N LEU A 58 -16.34 9.31 15.25
CA LEU A 58 -15.35 9.27 16.33
C LEU A 58 -15.02 7.87 16.83
N PRO A 59 -15.98 7.01 17.16
CA PRO A 59 -15.63 5.62 17.51
C PRO A 59 -15.50 4.69 16.32
N MET A 60 -14.33 4.09 16.11
CA MET A 60 -14.17 3.17 15.00
C MET A 60 -12.89 2.39 15.20
N SER A 61 -12.83 1.25 14.51
CA SER A 61 -11.64 0.43 14.45
C SER A 61 -10.72 0.92 13.34
N LEU A 62 -9.42 0.69 13.51
CA LEU A 62 -8.44 1.46 12.74
C LEU A 62 -7.76 0.71 11.59
N ILE A 63 -7.08 -0.39 11.87
CA ILE A 63 -6.19 -0.93 10.85
C ILE A 63 -7.00 -1.51 9.68
N HIS A 64 -6.49 -1.32 8.45
CA HIS A 64 -7.14 -1.91 7.28
C HIS A 64 -6.19 -2.66 6.32
N GLU A 65 -4.95 -2.94 6.72
CA GLU A 65 -4.07 -3.78 5.92
C GLU A 65 -3.60 -4.94 6.80
N GLY A 66 -3.92 -6.17 6.41
CA GLY A 66 -3.55 -7.31 7.24
C GLY A 66 -3.77 -8.66 6.60
N VAL A 67 -3.25 -9.68 7.27
CA VAL A 67 -3.40 -11.07 6.88
C VAL A 67 -3.70 -11.86 8.15
N GLY A 68 -4.43 -12.97 8.01
CA GLY A 68 -4.82 -13.75 9.17
C GLY A 68 -5.15 -15.19 8.81
N GLU A 69 -5.61 -15.94 9.81
CA GLU A 69 -5.98 -17.32 9.60
C GLU A 69 -7.47 -17.50 9.74
N VAL A 70 -8.01 -18.39 8.91
CA VAL A 70 -9.43 -18.73 8.91
C VAL A 70 -9.72 -19.69 10.06
N VAL A 71 -10.61 -19.30 10.98
CA VAL A 71 -10.91 -20.14 12.14
C VAL A 71 -12.26 -20.80 11.91
N PHE A 72 -13.12 -20.17 11.10
CA PHE A 72 -14.42 -20.76 10.76
C PHE A 72 -14.83 -20.34 9.34
N ASP A 73 -15.50 -21.25 8.64
CA ASP A 73 -16.07 -20.93 7.35
C ASP A 73 -17.33 -21.79 7.22
N SER A 74 -18.46 -21.22 7.66
CA SER A 74 -19.69 -21.97 7.68
C SER A 74 -20.08 -22.42 6.29
N LYS A 75 -19.78 -21.62 5.27
CA LYS A 75 -20.13 -22.02 3.92
C LYS A 75 -19.19 -23.08 3.38
N GLY A 76 -18.14 -23.43 4.11
CA GLY A 76 -17.29 -24.53 3.72
C GLY A 76 -16.41 -24.31 2.51
N VAL A 77 -15.89 -23.09 2.33
CA VAL A 77 -15.05 -22.77 1.18
C VAL A 77 -13.57 -22.89 1.51
N PHE A 78 -13.15 -22.30 2.63
CA PHE A 78 -11.76 -22.30 3.06
C PHE A 78 -11.61 -23.24 4.23
N ASN A 79 -10.62 -24.14 4.16
CA ASN A 79 -10.44 -25.02 5.30
C ASN A 79 -9.87 -24.22 6.47
N LYS A 80 -10.14 -24.72 7.67
CA LYS A 80 -9.67 -24.04 8.87
C LYS A 80 -8.15 -23.90 8.82
N GLY A 81 -7.64 -22.80 9.34
CA GLY A 81 -6.22 -22.51 9.41
C GLY A 81 -5.62 -21.99 8.12
N THR A 82 -6.37 -21.94 7.02
CA THR A 82 -5.83 -21.40 5.79
C THR A 82 -5.41 -19.96 6.03
N LYS A 83 -4.17 -19.66 5.69
CA LYS A 83 -3.64 -18.31 5.84
C LYS A 83 -4.10 -17.46 4.64
N VAL A 84 -4.79 -16.36 4.93
CA VAL A 84 -5.41 -15.56 3.88
C VAL A 84 -5.16 -14.07 4.13
N VAL A 85 -4.95 -13.34 3.04
CA VAL A 85 -4.86 -11.89 3.09
C VAL A 85 -6.27 -11.32 3.02
N MET A 86 -6.54 -10.33 3.85
CA MET A 86 -7.89 -9.78 4.05
C MET A 86 -8.11 -8.52 3.22
N VAL A 87 -9.14 -8.51 2.36
CA VAL A 87 -9.39 -7.26 1.63
C VAL A 87 -10.43 -6.46 2.40
N PRO A 88 -10.19 -5.17 2.60
CA PRO A 88 -11.16 -4.33 3.31
C PRO A 88 -12.30 -3.92 2.39
N ASN A 89 -13.20 -3.10 2.91
CA ASN A 89 -14.31 -2.61 2.11
C ASN A 89 -13.91 -1.39 1.30
N THR A 90 -14.32 -1.40 0.03
CA THR A 90 -13.87 -0.38 -0.91
C THR A 90 -14.25 1.04 -0.53
N PRO A 91 -15.45 1.31 0.05
CA PRO A 91 -15.68 2.70 0.45
C PRO A 91 -15.19 3.00 1.87
N ASP A 114 -15.27 -0.54 8.83
CA ASP A 114 -14.88 -1.19 10.07
C ASP A 114 -13.54 -1.92 9.92
N GLY A 115 -12.64 -1.72 10.86
CA GLY A 115 -11.25 -2.12 10.74
C GLY A 115 -10.93 -3.55 11.18
N PHE A 116 -9.62 -3.80 11.36
CA PHE A 116 -9.06 -5.13 11.64
C PHE A 116 -8.57 -5.30 13.08
N MET A 117 -8.58 -4.25 13.89
CA MET A 117 -8.13 -4.40 15.28
C MET A 117 -9.25 -5.04 16.09
N GLN A 118 -9.43 -6.34 15.88
CA GLN A 118 -10.43 -7.06 16.67
C GLN A 118 -10.07 -8.54 16.67
N ASP A 119 -10.71 -9.28 17.57
CA ASP A 119 -10.35 -10.69 17.71
C ASP A 119 -10.77 -11.50 16.49
N PHE A 120 -11.84 -11.07 15.82
CA PHE A 120 -12.31 -11.79 14.65
C PHE A 120 -12.77 -10.79 13.62
N VAL A 121 -12.45 -11.07 12.36
CA VAL A 121 -12.85 -10.26 11.22
C VAL A 121 -13.70 -11.14 10.31
N LEU A 122 -14.85 -10.63 9.91
CA LEU A 122 -15.76 -11.37 9.06
C LEU A 122 -15.62 -10.86 7.64
N LEU A 123 -15.38 -11.76 6.71
CA LEU A 123 -15.19 -11.36 5.33
C LEU A 123 -16.10 -12.17 4.42
N ASN A 124 -16.41 -11.58 3.28
CA ASN A 124 -17.09 -12.36 2.27
C ASN A 124 -16.09 -13.31 1.64
N HIS A 125 -16.61 -14.35 1.01
CA HIS A 125 -15.70 -15.35 0.47
C HIS A 125 -14.88 -14.80 -0.66
N ASP A 126 -15.33 -13.71 -1.28
CA ASP A 126 -14.54 -13.01 -2.28
C ASP A 126 -13.68 -11.91 -1.67
N ARG A 127 -13.71 -11.74 -0.35
CA ARG A 127 -12.94 -10.69 0.30
C ARG A 127 -11.78 -11.29 1.12
N ALA A 128 -11.35 -12.51 0.79
CA ALA A 128 -10.26 -13.18 1.51
C ALA A 128 -9.50 -14.08 0.53
N VAL A 129 -8.22 -13.77 0.35
CA VAL A 129 -7.38 -14.36 -0.69
C VAL A 129 -6.42 -15.34 -0.04
N PRO A 130 -6.40 -16.60 -0.46
CA PRO A 130 -5.51 -17.58 0.18
C PRO A 130 -4.07 -17.34 -0.24
N LEU A 131 -3.19 -17.60 0.69
CA LEU A 131 -1.75 -17.42 0.54
C LEU A 131 -1.05 -18.76 0.35
N PRO A 132 0.15 -18.77 -0.21
CA PRO A 132 0.88 -20.04 -0.30
C PRO A 132 1.23 -20.55 1.08
N ASP A 133 1.53 -21.84 1.13
CA ASP A 133 1.66 -22.52 2.42
C ASP A 133 2.79 -21.96 3.25
N ASP A 134 3.90 -21.60 2.61
CA ASP A 134 5.06 -21.09 3.31
C ASP A 134 5.38 -19.72 2.76
N ILE A 135 5.26 -18.70 3.61
CA ILE A 135 5.49 -17.33 3.16
C ILE A 135 5.63 -16.47 4.41
N ASP A 136 6.40 -15.39 4.28
CA ASP A 136 6.60 -14.50 5.41
C ASP A 136 5.37 -13.62 5.54
N LEU A 137 4.56 -13.90 6.56
CA LEU A 137 3.33 -13.15 6.71
C LEU A 137 3.57 -11.74 7.22
N SER A 138 4.60 -11.54 8.05
CA SER A 138 4.86 -10.21 8.58
C SER A 138 5.02 -9.17 7.47
N ILE A 139 5.38 -9.57 6.27
CA ILE A 139 5.50 -8.58 5.20
C ILE A 139 4.37 -8.70 4.19
N ILE A 140 3.68 -9.84 4.13
CA ILE A 140 2.45 -9.86 3.37
C ILE A 140 1.39 -8.97 4.01
N SER A 141 1.58 -8.57 5.27
CA SER A 141 0.59 -7.69 5.93
C SER A 141 0.32 -6.43 5.10
N TYR A 142 1.37 -5.81 4.53
CA TYR A 142 1.15 -4.59 3.77
C TYR A 142 1.07 -4.90 2.27
N THR A 143 0.12 -5.77 1.93
CA THR A 143 -0.14 -6.08 0.54
C THR A 143 -1.07 -5.08 -0.11
N GLU A 144 -1.78 -4.29 0.70
CA GLU A 144 -2.64 -3.26 0.15
C GLU A 144 -1.83 -2.23 -0.61
N LEU A 145 -0.64 -1.86 -0.12
CA LEU A 145 0.16 -0.91 -0.87
C LEU A 145 0.55 -1.48 -2.21
N VAL A 146 0.87 -2.77 -2.23
CA VAL A 146 1.20 -3.39 -3.51
C VAL A 146 0.01 -3.40 -4.44
N THR A 147 -1.19 -3.62 -3.90
CA THR A 147 -2.35 -3.58 -4.79
C THR A 147 -2.57 -2.19 -5.34
N VAL A 148 -2.38 -1.16 -4.51
CA VAL A 148 -2.51 0.21 -4.99
C VAL A 148 -1.52 0.45 -6.14
N SER A 149 -0.27 0.03 -5.93
CA SER A 149 0.74 0.25 -6.94
C SER A 149 0.43 -0.52 -8.23
N LEU A 150 0.06 -1.79 -8.08
CA LEU A 150 -0.24 -2.60 -9.26
C LEU A 150 -1.46 -2.06 -9.99
N HIS A 151 -2.47 -1.60 -9.24
CA HIS A 151 -3.64 -0.98 -9.87
C HIS A 151 -3.22 0.20 -10.72
N ALA A 152 -2.40 1.09 -10.14
CA ALA A 152 -1.89 2.23 -10.91
C ALA A 152 -1.17 1.77 -12.17
N ILE A 153 -0.29 0.78 -12.04
CA ILE A 153 0.46 0.31 -13.22
C ILE A 153 -0.51 -0.20 -14.28
N ARG A 154 -1.50 -1.00 -13.86
CA ARG A 154 -2.42 -1.50 -14.86
C ARG A 154 -3.35 -0.42 -15.42
N ARG A 155 -3.36 0.80 -14.83
CA ARG A 155 -4.09 1.90 -15.47
C ARG A 155 -3.52 2.20 -16.85
N PHE A 156 -2.20 2.11 -17.01
CA PHE A 156 -1.65 2.18 -18.36
C PHE A 156 -2.00 0.89 -19.09
N GLU A 157 -2.62 1.02 -20.27
CA GLU A 157 -2.95 -0.15 -21.07
C GLU A 157 -1.72 -1.02 -21.25
N LYS A 158 -1.84 -2.29 -20.84
CA LYS A 158 -0.69 -3.18 -20.87
C LYS A 158 -0.16 -3.34 -22.29
N LYS A 159 -1.06 -3.27 -23.29
CA LYS A 159 -0.68 -3.33 -24.69
C LYS A 159 0.03 -2.08 -25.18
N SER A 160 -0.01 -0.99 -24.41
CA SER A 160 0.61 0.28 -24.76
C SER A 160 2.00 0.42 -24.17
N ILE A 161 2.36 -0.42 -23.21
CA ILE A 161 3.64 -0.30 -22.51
C ILE A 161 4.43 -1.58 -22.70
N SER A 162 5.66 -1.44 -23.20
CA SER A 162 6.58 -2.56 -23.36
C SER A 162 7.85 -2.32 -22.53
N ASN A 163 8.80 -3.24 -22.65
CA ASN A 163 10.09 -3.07 -22.00
C ASN A 163 10.96 -2.06 -22.73
N LYS A 164 10.37 -1.30 -23.67
CA LYS A 164 11.06 -0.27 -24.42
C LYS A 164 10.70 1.13 -23.94
N ASN A 165 9.75 1.24 -23.00
CA ASN A 165 9.37 2.52 -22.43
C ASN A 165 10.38 2.91 -21.36
N THR A 166 10.18 4.10 -20.77
CA THR A 166 11.05 4.60 -19.71
C THR A 166 10.20 5.28 -18.67
N PHE A 167 10.28 4.82 -17.44
CA PHE A 167 9.38 5.27 -16.38
C PHE A 167 10.05 6.24 -15.44
N GLY A 168 9.26 7.17 -14.94
CA GLY A 168 9.70 8.07 -13.90
C GLY A 168 8.81 7.86 -12.70
N ILE A 169 9.40 8.02 -11.52
CA ILE A 169 8.71 7.80 -10.25
C ILE A 169 9.10 8.92 -9.29
N TRP A 170 8.12 9.74 -8.90
CA TRP A 170 8.37 10.75 -7.88
C TRP A 170 8.02 10.19 -6.51
N GLY A 171 8.97 10.30 -5.58
CA GLY A 171 8.77 9.79 -4.25
C GLY A 171 9.70 8.67 -3.85
N ASP A 172 10.58 8.92 -2.88
CA ASP A 172 11.49 7.89 -2.41
C ASP A 172 10.96 7.20 -1.17
N GLY A 173 9.64 7.04 -1.05
CA GLY A 173 9.06 6.42 0.13
C GLY A 173 8.50 5.02 -0.12
N ASN A 174 7.46 4.60 0.62
CA ASN A 174 6.99 3.21 0.44
C ASN A 174 6.34 3.01 -0.91
N LEU A 175 5.44 3.92 -1.31
CA LEU A 175 4.83 3.75 -2.62
C LEU A 175 5.85 3.79 -3.74
N GLY A 176 6.79 4.75 -3.67
CA GLY A 176 7.81 4.78 -4.71
C GLY A 176 8.61 3.49 -4.75
N TYR A 177 8.97 2.95 -3.59
CA TYR A 177 9.75 1.71 -3.56
C TYR A 177 8.97 0.54 -4.16
N ILE A 178 7.72 0.37 -3.72
CA ILE A 178 6.93 -0.75 -4.23
C ILE A 178 6.70 -0.61 -5.73
N THR A 179 6.47 0.61 -6.19
CA THR A 179 6.22 0.81 -7.60
C THR A 179 7.46 0.50 -8.40
N ALA A 180 8.63 0.90 -7.89
CA ALA A 180 9.86 0.57 -8.58
C ALA A 180 10.03 -0.94 -8.67
N ILE A 181 9.76 -1.64 -7.57
CA ILE A 181 9.87 -3.10 -7.56
C ILE A 181 8.98 -3.71 -8.62
N LEU A 182 7.71 -3.31 -8.64
CA LEU A 182 6.76 -3.94 -9.54
C LEU A 182 7.14 -3.68 -10.98
N LEU A 183 7.47 -2.43 -11.30
CA LEU A 183 7.87 -2.11 -12.66
C LEU A 183 9.07 -2.92 -13.10
N ARG A 184 10.08 -3.05 -12.23
CA ARG A 184 11.25 -3.80 -12.63
C ARG A 184 10.94 -5.28 -12.83
N LYS A 185 10.11 -5.86 -11.97
CA LYS A 185 9.87 -7.29 -12.09
C LYS A 185 9.07 -7.57 -13.36
N LEU A 186 8.05 -6.78 -13.63
CA LEU A 186 7.19 -7.12 -14.75
C LEU A 186 7.51 -6.37 -16.04
N TYR A 187 8.34 -5.33 -16.01
CA TYR A 187 8.84 -4.66 -17.21
C TYR A 187 10.35 -4.79 -17.13
N PRO A 188 10.87 -5.97 -17.43
CA PRO A 188 12.26 -6.27 -17.02
C PRO A 188 13.28 -5.49 -17.80
N GLU A 189 13.10 -5.35 -19.12
CA GLU A 189 14.06 -4.64 -19.95
C GLU A 189 13.79 -3.15 -20.04
N SER A 190 12.84 -2.64 -19.24
CA SER A 190 12.52 -1.22 -19.29
C SER A 190 13.54 -0.41 -18.51
N LYS A 191 13.42 0.91 -18.57
CA LYS A 191 14.29 1.82 -17.83
C LYS A 191 13.46 2.54 -16.78
N ILE A 192 14.02 2.72 -15.57
CA ILE A 192 13.31 3.31 -14.44
C ILE A 192 14.19 4.38 -13.81
N TYR A 193 13.59 5.57 -13.59
CA TYR A 193 14.23 6.65 -12.84
C TYR A 193 13.37 6.99 -11.63
N VAL A 194 14.01 7.31 -10.50
CA VAL A 194 13.34 7.62 -9.26
C VAL A 194 13.82 8.98 -8.78
N PHE A 195 12.87 9.81 -8.34
CA PHE A 195 13.17 11.15 -7.88
C PHE A 195 12.70 11.29 -6.46
N GLY A 196 13.60 11.74 -5.58
CA GLY A 196 13.20 11.84 -4.20
C GLY A 196 13.83 13.01 -3.51
N LYS A 197 13.90 12.94 -2.21
CA LYS A 197 14.39 14.06 -1.43
C LYS A 197 15.52 13.73 -0.47
N THR A 198 15.73 12.47 -0.07
CA THR A 198 16.73 12.16 0.95
C THR A 198 17.62 11.01 0.49
N ASP A 199 18.94 11.12 0.76
CA ASP A 199 19.84 10.03 0.37
C ASP A 199 19.51 8.76 1.10
N TYR A 200 19.04 8.89 2.34
CA TYR A 200 18.63 7.75 3.15
C TYR A 200 17.64 6.88 2.40
N LYS A 201 16.51 7.47 1.99
CA LYS A 201 15.46 6.70 1.33
C LYS A 201 15.87 6.29 -0.08
N LEU A 202 16.59 7.16 -0.79
CA LEU A 202 16.92 6.83 -2.16
C LEU A 202 17.96 5.71 -2.27
N SER A 203 18.73 5.45 -1.22
CA SER A 203 19.71 4.36 -1.31
C SER A 203 19.05 3.01 -1.44
N HIS A 204 17.80 2.88 -1.00
CA HIS A 204 17.15 1.60 -1.10
C HIS A 204 16.79 1.23 -2.53
N PHE A 205 16.95 2.16 -3.47
CA PHE A 205 16.63 1.93 -4.88
C PHE A 205 17.94 1.60 -5.59
N SER A 206 18.22 0.31 -5.68
CA SER A 206 19.39 -0.19 -6.36
C SER A 206 19.09 -0.83 -7.70
N PHE A 207 17.96 -1.52 -7.79
CA PHE A 207 17.42 -2.10 -9.02
C PHE A 207 16.96 -1.08 -10.05
N VAL A 208 17.04 0.20 -9.75
CA VAL A 208 16.58 1.27 -10.64
C VAL A 208 17.77 1.70 -11.47
N ASP A 209 17.46 2.12 -12.70
CA ASP A 209 18.52 2.44 -13.62
C ASP A 209 19.30 3.65 -13.15
N ASP A 210 18.62 4.63 -12.56
CA ASP A 210 19.32 5.78 -12.04
C ASP A 210 18.37 6.47 -11.05
N VAL A 211 18.95 7.23 -10.11
CA VAL A 211 18.21 7.86 -9.03
C VAL A 211 18.58 9.34 -8.91
N PHE A 212 17.58 10.23 -8.76
CA PHE A 212 17.85 11.66 -8.75
C PHE A 212 17.24 12.36 -7.53
N PHE A 213 17.85 13.51 -7.19
CA PHE A 213 17.19 14.44 -6.30
C PHE A 213 16.26 15.29 -7.11
N ILE A 214 15.29 15.88 -6.44
CA ILE A 214 14.47 16.87 -7.10
C ILE A 214 15.20 18.18 -7.18
N ASN A 215 16.22 18.33 -6.37
CA ASN A 215 17.07 19.49 -6.36
C ASN A 215 18.05 19.46 -7.54
N LYS A 216 18.42 18.27 -7.98
CA LYS A 216 19.50 18.08 -8.96
C LYS A 216 19.02 17.14 -10.05
N ILE A 217 18.30 17.70 -11.01
CA ILE A 217 17.83 16.97 -12.18
C ILE A 217 18.58 17.46 -13.41
N PRO A 218 19.24 16.57 -14.15
CA PRO A 218 20.03 16.99 -15.32
C PRO A 218 19.15 17.34 -16.51
N GLU A 219 19.65 18.28 -17.32
CA GLU A 219 18.98 18.60 -18.57
C GLU A 219 19.04 17.44 -19.54
N GLY A 220 18.01 17.35 -20.37
CA GLY A 220 17.96 16.27 -21.31
C GLY A 220 17.43 14.99 -20.77
N LEU A 221 17.00 14.96 -19.53
CA LEU A 221 16.43 13.75 -18.99
C LEU A 221 15.00 13.62 -19.52
N THR A 222 14.63 12.41 -19.93
CA THR A 222 13.36 12.17 -20.61
C THR A 222 12.77 10.81 -20.26
N PHE A 223 11.46 10.71 -20.36
CA PHE A 223 10.73 9.49 -20.03
C PHE A 223 9.32 9.66 -20.57
N ASP A 224 8.67 8.54 -20.88
CA ASP A 224 7.36 8.64 -21.50
C ASP A 224 6.21 8.30 -20.57
N HIS A 225 6.47 7.67 -19.43
CA HIS A 225 5.39 7.36 -18.49
C HIS A 225 5.90 7.64 -17.08
N ALA A 226 5.05 8.16 -16.20
CA ALA A 226 5.51 8.62 -14.90
C ALA A 226 4.46 8.31 -13.84
N PHE A 227 4.91 8.19 -12.59
CA PHE A 227 4.05 7.80 -11.48
C PHE A 227 4.25 8.82 -10.36
N GLU A 228 3.16 9.36 -9.85
CA GLU A 228 3.24 10.39 -8.81
C GLU A 228 2.88 9.69 -7.50
N CYS A 229 3.89 9.39 -6.67
CA CYS A 229 3.69 8.66 -5.41
C CYS A 229 4.02 9.51 -4.20
N VAL A 230 3.69 10.78 -4.25
CA VAL A 230 3.93 11.72 -3.17
C VAL A 230 2.59 12.32 -2.77
N GLY A 231 2.37 12.50 -1.47
CA GLY A 231 1.12 13.05 -1.00
C GLY A 231 1.20 14.45 -0.42
N GLY A 232 0.02 14.91 0.02
CA GLY A 232 -0.09 16.17 0.71
C GLY A 232 0.31 17.32 -0.16
N ARG A 233 0.93 18.31 0.46
CA ARG A 233 1.34 19.50 -0.26
C ARG A 233 2.47 19.17 -1.22
N GLY A 234 3.25 18.13 -0.93
CA GLY A 234 4.34 17.83 -1.83
C GLY A 234 3.90 17.30 -3.18
N SER A 235 2.67 16.78 -3.27
CA SER A 235 2.19 16.28 -4.56
C SER A 235 2.13 17.41 -5.58
N GLN A 236 1.82 18.62 -5.13
CA GLN A 236 1.78 19.73 -6.06
C GLN A 236 3.14 19.94 -6.71
N SER A 237 4.21 19.97 -5.90
CA SER A 237 5.54 20.13 -6.47
C SER A 237 5.89 18.95 -7.38
N ALA A 238 5.55 17.74 -6.96
CA ALA A 238 5.83 16.57 -7.78
C ALA A 238 5.16 16.65 -9.13
N ILE A 239 3.87 17.01 -9.13
CA ILE A 239 3.12 17.11 -10.38
C ILE A 239 3.68 18.18 -11.27
N ASN A 240 4.02 19.32 -10.69
CA ASN A 240 4.57 20.39 -11.51
C ASN A 240 5.87 19.93 -12.20
N GLN A 241 6.77 19.25 -11.45
CA GLN A 241 8.02 18.79 -12.05
C GLN A 241 7.77 17.79 -13.18
N MET A 242 6.92 16.79 -12.93
CA MET A 242 6.75 15.81 -13.99
C MET A 242 5.99 16.36 -15.17
N ILE A 243 5.27 17.45 -14.97
CA ILE A 243 4.68 18.13 -16.10
C ILE A 243 5.79 18.71 -16.95
N ASP A 244 6.76 19.36 -16.30
CA ASP A 244 7.86 19.94 -17.06
C ASP A 244 8.68 18.89 -17.80
N TYR A 245 9.17 17.88 -17.08
CA TYR A 245 10.19 17.00 -17.65
C TYR A 245 9.65 15.87 -18.53
N ILE A 246 8.34 15.61 -18.53
CA ILE A 246 7.83 14.44 -19.24
C ILE A 246 7.85 14.71 -20.73
N SER A 247 8.07 13.64 -21.49
CA SER A 247 8.06 13.72 -22.94
C SER A 247 6.66 14.11 -23.41
N PRO A 248 6.55 14.81 -24.54
CA PRO A 248 5.22 15.15 -25.04
C PRO A 248 4.41 13.90 -25.37
N GLU A 249 3.11 14.04 -25.24
CA GLU A 249 2.16 12.95 -25.39
C GLU A 249 2.37 11.87 -24.35
N GLY A 250 3.07 12.19 -23.27
CA GLY A 250 3.26 11.24 -22.20
C GLY A 250 2.07 11.15 -21.27
N SER A 251 1.97 10.03 -20.55
CA SER A 251 0.92 9.78 -19.57
C SER A 251 1.45 9.81 -18.14
N ILE A 252 0.61 10.23 -17.22
CA ILE A 252 0.98 10.36 -15.81
C ILE A 252 -0.10 9.73 -14.95
N ALA A 253 0.32 8.81 -14.10
CA ALA A 253 -0.58 8.16 -13.15
C ALA A 253 -0.43 8.86 -11.80
N LEU A 254 -1.54 9.38 -11.27
CA LEU A 254 -1.51 10.06 -9.98
C LEU A 254 -1.78 9.04 -8.88
N LEU A 255 -1.01 9.11 -7.79
CA LEU A 255 -1.22 8.20 -6.67
C LEU A 255 -1.26 8.95 -5.36
N GLY A 256 -0.57 10.09 -5.28
CA GLY A 256 -0.51 10.80 -4.03
C GLY A 256 -1.85 11.47 -3.70
N VAL A 257 -2.33 11.26 -2.49
CA VAL A 257 -3.56 11.90 -2.01
C VAL A 257 -3.23 13.28 -1.49
N SER A 258 -4.00 14.30 -1.91
CA SER A 258 -3.69 15.66 -1.47
C SER A 258 -4.60 16.12 -0.34
N GLU A 259 -5.85 15.66 -0.31
CA GLU A 259 -6.85 16.11 0.67
C GLU A 259 -6.98 17.62 0.64
N PHE A 260 -6.66 18.18 -0.49
CA PHE A 260 -6.63 19.62 -0.67
C PHE A 260 -6.50 19.84 -2.16
N PRO A 261 -6.75 21.04 -2.63
CA PRO A 261 -6.40 21.37 -4.00
C PRO A 261 -4.90 21.59 -4.13
N VAL A 262 -4.42 21.41 -5.35
CA VAL A 262 -3.03 21.65 -5.71
C VAL A 262 -3.00 22.41 -7.03
N GLU A 263 -2.13 23.41 -7.13
CA GLU A 263 -2.00 24.18 -8.35
C GLU A 263 -1.43 23.31 -9.45
N VAL A 264 -2.08 23.31 -10.61
CA VAL A 264 -1.63 22.51 -11.73
C VAL A 264 -1.47 23.41 -12.95
N ASN A 265 -0.34 23.26 -13.64
CA ASN A 265 -0.08 24.00 -14.87
C ASN A 265 -0.74 23.30 -16.06
N THR A 266 -1.96 23.71 -16.35
CA THR A 266 -2.72 23.09 -17.41
C THR A 266 -2.25 23.52 -18.79
N ARG A 267 -1.62 24.70 -18.89
CA ARG A 267 -1.12 25.14 -20.19
C ARG A 267 -0.18 24.11 -20.80
N LEU A 268 0.69 23.54 -19.98
CA LEU A 268 1.63 22.54 -20.44
C LEU A 268 1.00 21.19 -20.70
N VAL A 269 -0.03 20.84 -19.93
CA VAL A 269 -0.73 19.60 -20.23
C VAL A 269 -1.34 19.70 -21.61
N LEU A 270 -1.78 20.90 -21.99
CA LEU A 270 -2.32 21.11 -23.34
C LEU A 270 -1.20 21.07 -24.39
N GLU A 271 -0.15 21.87 -24.19
CA GLU A 271 0.89 21.95 -25.20
C GLU A 271 1.53 20.59 -25.45
N LYS A 272 1.66 19.79 -24.40
CA LYS A 272 2.31 18.48 -24.51
C LYS A 272 1.36 17.33 -24.76
N GLY A 273 0.05 17.55 -24.65
CA GLY A 273 -0.88 16.46 -24.85
C GLY A 273 -0.76 15.39 -23.81
N LEU A 274 -0.54 15.78 -22.57
CA LEU A 274 -0.36 14.82 -21.50
C LEU A 274 -1.71 14.25 -21.08
N THR A 275 -1.73 12.97 -20.75
CA THR A 275 -2.92 12.31 -20.20
C THR A 275 -2.60 11.99 -18.74
N LEU A 276 -3.45 12.46 -17.84
CA LEU A 276 -3.28 12.29 -16.40
C LEU A 276 -4.37 11.38 -15.88
N ILE A 277 -3.98 10.25 -15.30
CA ILE A 277 -4.94 9.26 -14.80
C ILE A 277 -4.80 9.15 -13.30
N GLY A 278 -5.90 9.38 -12.58
CA GLY A 278 -5.89 9.18 -11.14
C GLY A 278 -6.39 7.79 -10.83
N SER A 279 -5.79 7.16 -9.82
CA SER A 279 -6.19 5.79 -9.50
C SER A 279 -6.07 5.61 -8.00
N SER A 280 -7.13 5.04 -7.38
CA SER A 280 -7.03 4.86 -5.94
C SER A 280 -7.38 3.45 -5.47
N ARG A 281 -8.51 3.34 -4.79
CA ARG A 281 -8.84 2.10 -4.12
C ARG A 281 -8.74 0.92 -5.08
N SER A 282 -8.21 -0.18 -4.57
CA SER A 282 -7.94 -1.30 -5.45
C SER A 282 -9.10 -2.29 -5.33
N GLY A 283 -9.06 -3.35 -6.13
CA GLY A 283 -10.07 -4.38 -6.09
C GLY A 283 -9.56 -5.75 -5.66
N SER A 284 -10.50 -6.68 -5.51
CA SER A 284 -10.08 -8.00 -5.05
C SER A 284 -9.21 -8.64 -6.12
N LYS A 285 -9.46 -8.27 -7.38
CA LYS A 285 -8.60 -8.72 -8.47
C LYS A 285 -7.16 -8.26 -8.28
N ASP A 286 -6.96 -7.05 -7.76
CA ASP A 286 -5.59 -6.61 -7.52
C ASP A 286 -4.91 -7.44 -6.43
N PHE A 287 -5.67 -7.82 -5.40
CA PHE A 287 -5.09 -8.69 -4.38
C PHE A 287 -4.75 -10.07 -4.95
N GLN A 288 -5.66 -10.64 -5.75
CA GLN A 288 -5.36 -11.93 -6.35
C GLN A 288 -4.17 -11.85 -7.29
N ASP A 289 -4.07 -10.79 -8.08
CA ASP A 289 -2.93 -10.64 -8.99
C ASP A 289 -1.63 -10.48 -8.22
N VAL A 290 -1.66 -9.70 -7.12
CA VAL A 290 -0.45 -9.51 -6.33
C VAL A 290 -0.01 -10.82 -5.70
N VAL A 291 -0.98 -11.59 -5.23
CA VAL A 291 -0.66 -12.89 -4.66
C VAL A 291 -0.08 -13.81 -5.73
N ASP A 292 -0.71 -13.81 -6.90
CA ASP A 292 -0.22 -14.63 -8.01
C ASP A 292 1.19 -14.23 -8.39
N LEU A 293 1.51 -12.95 -8.21
CA LEU A 293 2.86 -12.46 -8.46
C LEU A 293 3.83 -12.92 -7.39
N TYR A 294 3.41 -12.92 -6.12
CA TYR A 294 4.26 -13.48 -5.09
C TYR A 294 4.68 -14.88 -5.47
N ILE A 295 3.73 -15.65 -6.00
CA ILE A 295 4.01 -17.00 -6.45
C ILE A 295 4.99 -16.97 -7.60
N GLN A 296 4.82 -16.01 -8.52
CA GLN A 296 5.65 -15.98 -9.72
C GLN A 296 7.07 -15.58 -9.37
N TYR A 297 7.25 -14.37 -8.84
CA TYR A 297 8.57 -13.90 -8.43
C TYR A 297 8.54 -13.79 -6.92
N PRO A 298 8.97 -14.82 -6.19
CA PRO A 298 9.21 -14.63 -4.75
C PRO A 298 10.29 -13.59 -4.48
N ASP A 299 11.00 -13.15 -5.51
CA ASP A 299 11.92 -12.03 -5.37
C ASP A 299 11.19 -10.82 -4.82
N ILE A 300 9.92 -10.66 -5.19
CA ILE A 300 9.11 -9.55 -4.72
C ILE A 300 8.98 -9.59 -3.21
N VAL A 301 8.72 -10.75 -2.65
CA VAL A 301 8.56 -10.84 -1.21
C VAL A 301 9.87 -10.49 -0.49
N ASP A 302 10.99 -10.93 -1.07
CA ASP A 302 12.27 -10.61 -0.47
C ASP A 302 12.59 -9.12 -0.57
N LYS A 303 12.22 -8.47 -1.67
CA LYS A 303 12.50 -7.05 -1.78
C LYS A 303 11.54 -6.25 -0.91
N LEU A 304 10.30 -6.72 -0.81
CA LEU A 304 9.32 -6.07 0.05
C LEU A 304 9.73 -6.14 1.50
N ALA A 305 10.53 -7.15 1.86
CA ALA A 305 10.98 -7.24 3.25
C ALA A 305 11.79 -6.03 3.65
N LEU A 306 12.47 -5.37 2.71
CA LEU A 306 13.26 -4.17 3.03
C LEU A 306 12.40 -3.00 3.44
N LEU A 307 11.11 -3.10 3.26
CA LEU A 307 10.20 -2.08 3.71
C LEU A 307 9.80 -2.29 5.16
N LYS A 308 9.89 -3.53 5.64
CA LYS A 308 9.51 -3.84 7.01
C LYS A 308 10.35 -3.07 8.01
N GLY A 309 9.75 -2.08 8.66
CA GLY A 309 10.42 -1.33 9.69
C GLY A 309 10.40 -2.06 11.02
N GLN A 310 9.78 -1.48 12.04
CA GLN A 310 9.70 -2.07 13.36
C GLN A 310 8.46 -2.95 13.52
N GLU A 311 8.60 -4.03 14.30
CA GLU A 311 7.51 -4.98 14.53
C GLU A 311 7.15 -5.02 16.02
N PHE A 312 5.87 -5.18 16.32
CA PHE A 312 5.44 -5.15 17.71
C PHE A 312 4.46 -6.28 17.97
N GLU A 313 4.65 -7.00 19.08
CA GLU A 313 3.67 -7.97 19.51
C GLU A 313 2.64 -7.22 20.35
N ILE A 314 1.37 -7.38 19.99
CA ILE A 314 0.29 -6.64 20.60
C ILE A 314 -0.49 -7.61 21.46
N ALA A 315 -0.36 -7.47 22.75
CA ALA A 315 -1.11 -8.26 23.68
C ALA A 315 -1.89 -7.44 24.69
N THR A 316 -1.61 -6.14 24.80
CA THR A 316 -2.42 -5.27 25.63
C THR A 316 -2.76 -4.00 24.86
N ILE A 317 -3.38 -3.02 25.50
CA ILE A 317 -3.63 -1.74 24.86
C ILE A 317 -2.36 -0.91 24.84
N ASN A 318 -1.58 -1.04 25.92
CA ASN A 318 -0.31 -0.35 26.00
C ASN A 318 0.58 -0.70 24.82
N ASP A 319 0.49 -1.95 24.33
CA ASP A 319 1.29 -2.31 23.19
C ASP A 319 0.85 -1.58 21.93
N LEU A 320 -0.42 -1.19 21.87
CA LEU A 320 -0.91 -0.42 20.74
C LEU A 320 -0.44 1.03 20.81
N THR A 321 -0.54 1.65 21.99
CA THR A 321 -0.09 3.03 22.08
C THR A 321 1.40 3.11 21.73
N GLU A 322 2.23 2.21 22.30
CA GLU A 322 3.64 2.19 21.96
C GLU A 322 3.88 2.00 20.47
N ALA A 323 3.15 1.05 19.85
CA ALA A 323 3.34 0.78 18.44
C ALA A 323 3.02 1.99 17.57
N PHE A 324 1.97 2.72 17.94
CA PHE A 324 1.56 3.85 17.13
C PHE A 324 2.53 5.01 17.28
N GLU A 325 3.02 5.23 18.50
CA GLU A 325 4.04 6.24 18.71
C GLU A 325 5.29 5.92 17.88
N ALA A 326 5.62 4.63 17.78
CA ALA A 326 6.78 4.22 16.99
C ALA A 326 6.57 4.46 15.48
N ASP A 327 5.41 4.12 14.93
CA ASP A 327 5.16 4.37 13.51
C ASP A 327 5.15 5.86 13.21
N LEU A 328 4.81 6.68 14.21
CA LEU A 328 4.99 8.13 14.07
C LEU A 328 6.47 8.46 13.89
N SER A 329 7.32 8.03 14.83
CA SER A 329 8.74 8.34 14.77
C SER A 329 9.49 7.61 13.64
N THR A 330 8.82 6.73 12.88
CA THR A 330 9.49 5.93 11.85
C THR A 330 9.88 6.80 10.68
N SER A 331 11.11 6.63 10.20
CA SER A 331 11.56 7.39 9.03
C SER A 331 11.15 6.68 7.74
N TRP A 332 11.64 5.44 7.56
CA TRP A 332 11.44 4.67 6.36
C TRP A 332 10.70 3.38 6.72
N GLY A 333 9.80 2.97 5.83
CA GLY A 333 9.20 1.66 5.88
C GLY A 333 7.92 1.59 6.70
N LYS A 334 7.35 0.38 6.73
CA LYS A 334 6.09 0.13 7.43
C LYS A 334 6.29 -0.48 8.81
N THR A 335 5.36 -0.18 9.70
CA THR A 335 5.30 -0.78 11.03
C THR A 335 4.28 -1.91 11.06
N VAL A 336 4.73 -3.09 11.46
CA VAL A 336 3.92 -4.31 11.48
C VAL A 336 3.54 -4.66 12.90
N LEU A 337 2.33 -5.19 13.06
CA LEU A 337 1.82 -5.61 14.36
C LEU A 337 1.54 -7.10 14.34
N LYS A 338 2.01 -7.78 15.36
CA LYS A 338 1.76 -9.20 15.54
C LYS A 338 0.60 -9.33 16.52
N TRP A 339 -0.53 -9.81 16.02
CA TRP A 339 -1.76 -9.85 16.79
C TRP A 339 -1.73 -11.09 17.68
N ILE A 340 -1.55 -10.86 18.98
CA ILE A 340 -1.62 -11.96 19.95
C ILE A 340 -2.55 -11.56 21.09
N MET A 341 -3.62 -10.85 20.76
CA MET A 341 -4.64 -10.48 21.74
C MET A 341 -5.40 -11.73 22.19
#